data_4YWJ
#
_entry.id   4YWJ
#
_cell.length_a   93.010
_cell.length_b   101.500
_cell.length_c   144.510
_cell.angle_alpha   90.000
_cell.angle_beta   90.000
_cell.angle_gamma   90.000
#
_symmetry.space_group_name_H-M   'C 2 2 21'
#
loop_
_entity.id
_entity.type
_entity.pdbx_description
1 polymer '4-hydroxy-tetrahydrodipicolinate reductase'
2 non-polymer NICOTINAMIDE-ADENINE-DINUCLEOTIDE
3 non-polymer 'TRIETHYLENE GLYCOL'
4 non-polymer 1,4-BUTANEDIOL
5 non-polymer 'CHLORIDE ION'
6 water water
#
_entity_poly.entity_id   1
_entity_poly.type   'polypeptide(L)'
_entity_poly.pdbx_seq_one_letter_code
;MAHHHHHHMRRIAVVGAAGRMGKNLIEAVQQTGGAAGLTAAVDRPDSTLVGADAGELAGLGRIGVPLSGDLGKVCEEFDV
LIDFTHPSVTLKNIEQCRKARRAMVIGTTGFSADEKLLLAEAAKDIPIVFAANFSVGVNLCLKLLDTAARVLGDEVDIEI
IEAHHRHKVDAPSGTALRMGEVVAQALGRDLQEVAVYGREGQTGARARETIGFATVRAGDVVGDHTVLFAAEGERVEITH
KASSRMTFARGAVRAALWLEGKENGLYDMQDVLGLR
;
_entity_poly.pdbx_strand_id   A,B
#
loop_
_chem_comp.id
_chem_comp.type
_chem_comp.name
_chem_comp.formula
BU1 non-polymer 1,4-BUTANEDIOL 'C4 H10 O2'
CL non-polymer 'CHLORIDE ION' 'Cl -1'
NAD non-polymer NICOTINAMIDE-ADENINE-DINUCLEOTIDE 'C21 H27 N7 O14 P2'
PGE non-polymer 'TRIETHYLENE GLYCOL' 'C6 H14 O4'
#
# COMPACT_ATOMS: atom_id res chain seq x y z
N MET A 9 20.64 27.00 -5.52
CA MET A 9 19.69 26.26 -4.70
C MET A 9 18.34 26.97 -4.64
N ARG A 10 17.38 26.32 -3.98
CA ARG A 10 16.04 26.86 -3.85
C ARG A 10 15.96 27.75 -2.61
N ARG A 11 15.69 29.03 -2.81
CA ARG A 11 15.60 29.98 -1.70
C ARG A 11 14.22 29.95 -1.07
N ILE A 12 14.15 29.58 0.21
CA ILE A 12 12.88 29.34 0.91
C ILE A 12 12.71 30.32 2.07
N ALA A 13 11.57 31.01 2.10
CA ALA A 13 11.20 31.81 3.26
C ALA A 13 10.16 31.05 4.08
N VAL A 14 10.20 31.25 5.39
CA VAL A 14 9.21 30.66 6.29
C VAL A 14 8.53 31.77 7.07
N VAL A 15 7.20 31.82 7.02
CA VAL A 15 6.47 32.80 7.80
C VAL A 15 5.71 32.06 8.90
N GLY A 16 5.68 32.66 10.08
CA GLY A 16 5.25 31.98 11.29
C GLY A 16 6.42 31.20 11.85
N ALA A 17 7.63 31.69 11.56
CA ALA A 17 8.87 30.97 11.85
C ALA A 17 9.11 30.68 13.34
N ALA A 18 8.54 31.48 14.23
CA ALA A 18 8.72 31.26 15.67
C ALA A 18 7.68 30.32 16.24
N GLY A 19 6.74 29.86 15.40
CA GLY A 19 5.69 28.98 15.85
C GLY A 19 6.10 27.52 15.96
N ARG A 20 5.17 26.67 16.38
CA ARG A 20 5.48 25.25 16.51
C ARG A 20 5.83 24.65 15.14
N MET A 21 4.98 24.86 14.14
CA MET A 21 5.27 24.36 12.81
C MET A 21 6.42 25.13 12.17
N GLY A 22 6.48 26.44 12.42
CA GLY A 22 7.52 27.26 11.83
C GLY A 22 8.91 26.79 12.23
N LYS A 23 9.05 26.42 13.50
CA LYS A 23 10.31 25.89 13.99
C LYS A 23 10.62 24.58 13.29
N ASN A 24 9.61 23.74 13.08
CA ASN A 24 9.82 22.44 12.40
C ASN A 24 10.21 22.66 10.94
N LEU A 25 9.61 23.65 10.31
CA LEU A 25 9.91 24.02 8.93
C LEU A 25 11.35 24.49 8.75
N ILE A 26 11.82 25.34 9.66
CA ILE A 26 13.21 25.78 9.64
C ILE A 26 14.10 24.54 9.66
N GLU A 27 13.79 23.63 10.56
CA GLU A 27 14.55 22.38 10.69
C GLU A 27 14.52 21.56 9.41
N ALA A 28 13.33 21.39 8.81
CA ALA A 28 13.23 20.53 7.63
C ALA A 28 13.91 21.18 6.41
N VAL A 29 13.99 22.51 6.40
CA VAL A 29 14.69 23.20 5.32
C VAL A 29 16.19 22.91 5.38
N GLN A 30 16.77 22.97 6.57
CA GLN A 30 18.20 22.72 6.74
C GLN A 30 18.56 21.27 6.46
N GLN A 31 17.55 20.40 6.48
CA GLN A 31 17.76 18.97 6.35
C GLN A 31 17.58 18.50 4.90
N THR A 32 17.74 19.43 3.96
CA THR A 32 17.63 19.11 2.55
C THR A 32 19.01 19.03 1.91
N GLY A 33 19.97 19.71 2.53
CA GLY A 33 21.36 19.63 2.12
C GLY A 33 21.68 20.30 0.80
N GLY A 34 21.47 21.60 0.71
CA GLY A 34 21.85 22.37 -0.45
C GLY A 34 20.85 22.27 -1.60
N ALA A 35 19.87 21.39 -1.44
CA ALA A 35 18.74 21.38 -2.36
C ALA A 35 17.99 22.67 -2.12
N ALA A 36 17.82 22.99 -0.84
CA ALA A 36 17.16 24.21 -0.41
C ALA A 36 17.98 24.90 0.66
N GLY A 37 17.69 26.18 0.87
CA GLY A 37 18.30 26.95 1.94
C GLY A 37 17.34 28.01 2.43
N LEU A 38 17.32 28.23 3.74
CA LEU A 38 16.49 29.27 4.32
C LEU A 38 17.11 30.64 4.05
N THR A 39 16.34 31.55 3.45
CA THR A 39 16.86 32.90 3.19
C THR A 39 16.11 33.97 3.97
N ALA A 40 14.94 33.62 4.48
CA ALA A 40 14.15 34.57 5.26
C ALA A 40 13.31 33.86 6.31
N ALA A 41 13.05 34.56 7.41
CA ALA A 41 12.19 34.02 8.47
C ALA A 41 11.39 35.14 9.09
N VAL A 42 10.07 35.02 9.03
CA VAL A 42 9.19 36.10 9.47
C VAL A 42 8.20 35.59 10.51
N ASP A 43 8.04 36.36 11.58
CA ASP A 43 6.97 36.13 12.53
C ASP A 43 6.25 37.46 12.82
N ARG A 44 5.58 37.52 13.96
CA ARG A 44 4.79 38.69 14.33
C ARG A 44 5.70 39.93 14.43
N PRO A 45 5.22 41.07 13.91
CA PRO A 45 5.98 42.33 13.99
C PRO A 45 6.26 42.76 15.43
N ASP A 46 5.33 42.48 16.33
CA ASP A 46 5.46 42.91 17.72
C ASP A 46 6.19 41.86 18.56
N SER A 47 6.77 40.85 17.91
CA SER A 47 7.46 39.80 18.65
C SER A 47 8.81 40.28 19.17
N THR A 48 9.12 39.92 20.41
CA THR A 48 10.40 40.27 21.00
C THR A 48 11.49 39.33 20.52
N LEU A 49 11.11 38.35 19.72
CA LEU A 49 12.06 37.41 19.14
C LEU A 49 12.62 37.96 17.84
N VAL A 50 12.06 39.06 17.37
CA VAL A 50 12.48 39.67 16.11
C VAL A 50 13.93 40.14 16.25
N GLY A 51 14.78 39.68 15.34
CA GLY A 51 16.20 39.98 15.41
C GLY A 51 17.03 38.75 15.73
N ALA A 52 16.43 37.81 16.46
CA ALA A 52 17.12 36.58 16.83
C ALA A 52 17.36 35.68 15.62
N ASP A 53 18.40 34.85 15.68
CA ASP A 53 18.71 33.93 14.61
C ASP A 53 17.64 32.85 14.52
N ALA A 54 17.06 32.67 13.33
CA ALA A 54 15.99 31.71 13.12
C ALA A 54 16.46 30.29 13.44
N GLY A 55 17.73 30.01 13.19
CA GLY A 55 18.29 28.71 13.52
C GLY A 55 18.34 28.46 15.01
N GLU A 56 18.86 29.43 15.75
CA GLU A 56 18.96 29.31 17.20
C GLU A 56 17.57 29.17 17.84
N LEU A 57 16.61 29.95 17.33
CA LEU A 57 15.25 29.95 17.86
C LEU A 57 14.60 28.57 17.71
N ALA A 58 14.99 27.84 16.68
CA ALA A 58 14.42 26.52 16.43
C ALA A 58 15.25 25.42 17.09
N GLY A 59 16.22 25.81 17.91
CA GLY A 59 17.05 24.86 18.61
C GLY A 59 18.20 24.29 17.78
N LEU A 60 18.50 24.93 16.66
CA LEU A 60 19.57 24.49 15.78
C LEU A 60 20.80 25.36 15.94
N GLY A 61 21.82 25.10 15.12
CA GLY A 61 22.99 25.96 15.08
C GLY A 61 22.63 27.29 14.45
N ARG A 62 23.50 28.28 14.61
CA ARG A 62 23.28 29.59 14.01
C ARG A 62 23.28 29.48 12.49
N ILE A 63 22.18 29.90 11.87
CA ILE A 63 22.00 29.74 10.43
C ILE A 63 22.51 30.96 9.68
N GLY A 64 22.35 32.14 10.29
CA GLY A 64 22.76 33.38 9.66
C GLY A 64 21.59 34.15 9.08
N VAL A 65 20.38 33.75 9.47
CA VAL A 65 19.16 34.41 9.02
C VAL A 65 18.40 34.94 10.23
N PRO A 66 18.30 36.27 10.34
CA PRO A 66 17.56 36.82 11.48
C PRO A 66 16.05 36.67 11.31
N LEU A 67 15.35 36.52 12.42
CA LEU A 67 13.90 36.60 12.41
C LEU A 67 13.52 38.05 12.12
N SER A 68 12.69 38.26 11.11
CA SER A 68 12.20 39.60 10.81
C SER A 68 10.69 39.69 11.05
N GLY A 69 10.16 40.90 11.07
CA GLY A 69 8.77 41.11 11.41
C GLY A 69 7.86 41.48 10.26
N ASP A 70 8.45 41.62 9.06
CA ASP A 70 7.68 42.08 7.91
C ASP A 70 8.15 41.43 6.62
N LEU A 71 7.24 40.67 6.01
CA LEU A 71 7.53 39.95 4.78
C LEU A 71 7.91 40.92 3.66
N GLY A 72 7.33 42.12 3.70
CA GLY A 72 7.57 43.13 2.68
C GLY A 72 9.02 43.60 2.53
N LYS A 73 9.75 43.63 3.64
CA LYS A 73 11.13 44.08 3.63
C LYS A 73 12.06 43.03 3.02
N VAL A 74 11.59 41.79 2.96
CA VAL A 74 12.43 40.69 2.49
C VAL A 74 11.79 40.01 1.27
N CYS A 75 10.65 40.54 0.82
CA CYS A 75 9.79 39.88 -0.18
C CYS A 75 10.46 39.51 -1.52
N GLU A 76 11.77 39.76 -1.63
CA GLU A 76 12.49 39.50 -2.88
C GLU A 76 13.76 38.67 -2.68
N GLU A 77 13.95 38.15 -1.48
CA GLU A 77 15.16 37.37 -1.19
C GLU A 77 14.88 35.87 -1.26
N PHE A 78 13.68 35.50 -1.71
CA PHE A 78 13.30 34.10 -1.78
C PHE A 78 12.56 33.70 -3.07
N ASP A 79 12.53 32.39 -3.32
CA ASP A 79 11.83 31.85 -4.49
C ASP A 79 10.43 31.33 -4.12
N VAL A 80 10.30 30.85 -2.89
CA VAL A 80 9.05 30.26 -2.44
C VAL A 80 8.85 30.53 -0.96
N LEU A 81 7.60 30.80 -0.58
CA LEU A 81 7.24 31.06 0.82
C LEU A 81 6.40 29.91 1.36
N ILE A 82 6.82 29.33 2.48
CA ILE A 82 6.02 28.33 3.20
C ILE A 82 5.33 29.00 4.37
N ASP A 83 4.00 28.84 4.44
CA ASP A 83 3.18 29.55 5.39
C ASP A 83 2.33 28.61 6.27
N PHE A 84 2.63 28.60 7.56
CA PHE A 84 1.81 27.89 8.55
C PHE A 84 1.48 28.85 9.67
N THR A 85 0.49 29.71 9.47
CA THR A 85 0.20 30.73 10.46
C THR A 85 -1.26 30.72 10.90
N HIS A 86 -2.03 31.60 10.30
CA HIS A 86 -3.44 31.83 10.64
C HIS A 86 -4.01 32.52 9.42
N PRO A 87 -5.29 32.26 9.08
CA PRO A 87 -5.83 32.79 7.82
C PRO A 87 -5.58 34.29 7.61
N SER A 88 -5.74 35.09 8.66
CA SER A 88 -5.64 36.54 8.50
C SER A 88 -4.22 36.96 8.11
N VAL A 89 -3.25 36.14 8.48
CA VAL A 89 -1.87 36.39 8.12
C VAL A 89 -1.60 35.93 6.70
N THR A 90 -2.03 34.71 6.39
CA THR A 90 -1.77 34.11 5.08
C THR A 90 -2.37 34.96 3.96
N LEU A 91 -3.57 35.51 4.18
CA LEU A 91 -4.17 36.38 3.18
C LEU A 91 -3.25 37.54 2.82
N LYS A 92 -2.63 38.14 3.83
CA LYS A 92 -1.68 39.24 3.59
C LYS A 92 -0.44 38.71 2.86
N ASN A 93 0.03 37.52 3.24
CA ASN A 93 1.18 36.93 2.58
C ASN A 93 0.86 36.62 1.12
N ILE A 94 -0.34 36.12 0.87
CA ILE A 94 -0.78 35.83 -0.49
C ILE A 94 -0.68 37.08 -1.35
N GLU A 95 -1.16 38.20 -0.82
CA GLU A 95 -1.09 39.49 -1.51
C GLU A 95 0.34 39.88 -1.89
N GLN A 96 1.24 39.84 -0.92
CA GLN A 96 2.64 40.18 -1.19
C GLN A 96 3.31 39.20 -2.18
N CYS A 97 3.06 37.90 -2.02
CA CYS A 97 3.70 36.92 -2.91
C CYS A 97 3.16 37.02 -4.34
N ARG A 98 1.87 37.30 -4.44
CA ARG A 98 1.23 37.45 -5.75
C ARG A 98 1.84 38.64 -6.51
N LYS A 99 2.00 39.76 -5.81
CA LYS A 99 2.57 40.96 -6.41
C LYS A 99 4.03 40.73 -6.81
N ALA A 100 4.75 39.95 -6.01
CA ALA A 100 6.17 39.71 -6.25
C ALA A 100 6.39 38.46 -7.09
N ARG A 101 5.29 37.84 -7.51
CA ARG A 101 5.30 36.64 -8.32
C ARG A 101 6.14 35.54 -7.68
N ARG A 102 5.86 35.24 -6.42
CA ARG A 102 6.59 34.19 -5.71
C ARG A 102 5.67 33.02 -5.37
N ALA A 103 6.16 31.80 -5.55
CA ALA A 103 5.36 30.62 -5.27
C ALA A 103 5.05 30.50 -3.77
N MET A 104 4.01 29.75 -3.43
CA MET A 104 3.64 29.56 -2.03
C MET A 104 3.32 28.12 -1.67
N VAL A 105 3.64 27.75 -0.44
CA VAL A 105 3.17 26.52 0.17
C VAL A 105 2.37 26.91 1.40
N ILE A 106 1.06 26.64 1.39
CA ILE A 106 0.17 27.09 2.46
C ILE A 106 -0.34 25.90 3.29
N GLY A 107 0.06 25.86 4.55
CA GLY A 107 -0.40 24.82 5.48
C GLY A 107 -1.41 25.34 6.49
N THR A 108 -1.55 26.67 6.57
CA THR A 108 -2.56 27.25 7.43
C THR A 108 -3.92 26.60 7.24
N THR A 109 -4.63 26.36 8.34
CA THR A 109 -5.97 25.79 8.26
C THR A 109 -7.00 26.75 8.80
N GLY A 110 -8.27 26.38 8.67
CA GLY A 110 -9.36 27.18 9.18
C GLY A 110 -9.84 28.31 8.29
N PHE A 111 -9.49 28.28 7.01
CA PHE A 111 -10.00 29.31 6.09
C PHE A 111 -11.50 29.20 5.93
N SER A 112 -12.18 30.35 5.88
CA SER A 112 -13.59 30.40 5.53
C SER A 112 -13.72 30.15 4.04
N ALA A 113 -14.95 29.91 3.58
CA ALA A 113 -15.19 29.68 2.16
C ALA A 113 -14.76 30.89 1.32
N ASP A 114 -15.13 32.09 1.74
CA ASP A 114 -14.72 33.27 1.00
C ASP A 114 -13.21 33.45 0.99
N GLU A 115 -12.55 33.12 2.10
CA GLU A 115 -11.09 33.25 2.17
C GLU A 115 -10.45 32.24 1.22
N LYS A 116 -11.07 31.08 1.06
CA LYS A 116 -10.56 30.06 0.15
C LYS A 116 -10.58 30.50 -1.30
N LEU A 117 -11.61 31.26 -1.68
CA LEU A 117 -11.75 31.66 -3.08
C LEU A 117 -10.58 32.53 -3.49
N LEU A 118 -10.04 33.28 -2.54
CA LEU A 118 -8.88 34.12 -2.78
C LEU A 118 -7.68 33.27 -3.17
N LEU A 119 -7.58 32.08 -2.59
CA LEU A 119 -6.47 31.18 -2.91
C LEU A 119 -6.49 30.81 -4.39
N ALA A 120 -7.64 30.34 -4.87
CA ALA A 120 -7.77 29.97 -6.27
C ALA A 120 -7.52 31.17 -7.18
N GLU A 121 -7.92 32.35 -6.71
CA GLU A 121 -7.74 33.57 -7.48
C GLU A 121 -6.26 33.90 -7.65
N ALA A 122 -5.52 33.82 -6.55
CA ALA A 122 -4.09 34.10 -6.60
C ALA A 122 -3.38 33.06 -7.46
N ALA A 123 -3.97 31.86 -7.55
CA ALA A 123 -3.36 30.77 -8.28
C ALA A 123 -3.41 30.99 -9.79
N LYS A 124 -4.07 32.06 -10.22
CA LYS A 124 -4.01 32.50 -11.61
C LYS A 124 -2.64 33.09 -11.90
N ASP A 125 -2.02 33.66 -10.87
CA ASP A 125 -0.81 34.47 -11.03
C ASP A 125 0.45 33.79 -10.52
N ILE A 126 0.29 32.90 -9.53
CA ILE A 126 1.42 32.19 -8.95
C ILE A 126 1.09 30.72 -8.72
N PRO A 127 2.11 29.87 -8.69
CA PRO A 127 1.90 28.46 -8.32
C PRO A 127 1.80 28.29 -6.80
N ILE A 128 0.77 27.60 -6.34
CA ILE A 128 0.54 27.39 -4.91
C ILE A 128 0.29 25.92 -4.59
N VAL A 129 0.93 25.41 -3.54
CA VAL A 129 0.50 24.13 -2.95
C VAL A 129 -0.25 24.41 -1.65
N PHE A 130 -1.49 23.94 -1.58
CA PHE A 130 -2.37 24.11 -0.43
C PHE A 130 -2.90 22.74 -0.03
N ALA A 131 -2.74 22.36 1.24
CA ALA A 131 -3.14 21.02 1.68
C ALA A 131 -3.56 21.03 3.16
N ALA A 132 -4.60 20.27 3.49
CA ALA A 132 -5.05 20.16 4.88
C ALA A 132 -4.13 19.23 5.69
N ASN A 133 -3.37 18.43 4.97
CA ASN A 133 -2.46 17.48 5.60
C ASN A 133 -1.22 17.36 4.73
N PHE A 134 -0.08 17.85 5.24
CA PHE A 134 1.14 17.84 4.43
C PHE A 134 2.00 16.58 4.63
N SER A 135 1.50 15.62 5.40
CA SER A 135 2.25 14.38 5.60
C SER A 135 2.37 13.55 4.31
N VAL A 136 3.61 13.28 3.89
CA VAL A 136 3.83 12.47 2.70
C VAL A 136 3.26 11.07 2.95
N GLY A 137 3.58 10.48 4.11
CA GLY A 137 3.09 9.14 4.40
C GLY A 137 1.58 9.03 4.43
N VAL A 138 0.89 10.03 4.98
CA VAL A 138 -0.57 9.90 5.03
C VAL A 138 -1.15 9.99 3.62
N ASN A 139 -0.64 10.92 2.82
CA ASN A 139 -1.20 11.13 1.48
C ASN A 139 -0.90 9.93 0.59
N LEU A 140 0.26 9.32 0.78
CA LEU A 140 0.60 8.09 0.07
C LEU A 140 -0.41 7.01 0.44
N CYS A 141 -0.66 6.87 1.74
CA CYS A 141 -1.57 5.83 2.20
C CYS A 141 -2.95 5.99 1.60
N LEU A 142 -3.38 7.24 1.43
CA LEU A 142 -4.72 7.47 0.87
C LEU A 142 -4.83 6.89 -0.54
N LYS A 143 -3.78 7.04 -1.32
CA LYS A 143 -3.73 6.44 -2.66
C LYS A 143 -3.66 4.91 -2.57
N LEU A 144 -2.82 4.38 -1.68
CA LEU A 144 -2.69 2.92 -1.55
C LEU A 144 -4.02 2.28 -1.17
N LEU A 145 -4.79 2.98 -0.32
CA LEU A 145 -6.09 2.48 0.10
C LEU A 145 -7.08 2.37 -1.05
N ASP A 146 -7.01 3.32 -1.98
CA ASP A 146 -7.88 3.28 -3.14
C ASP A 146 -7.55 2.07 -4.00
N THR A 147 -6.27 1.85 -4.25
CA THR A 147 -5.83 0.71 -5.04
C THR A 147 -6.26 -0.60 -4.36
N ALA A 148 -6.04 -0.71 -3.05
CA ALA A 148 -6.37 -1.94 -2.32
C ALA A 148 -7.87 -2.23 -2.35
N ALA A 149 -8.69 -1.21 -2.09
CA ALA A 149 -10.14 -1.41 -2.07
C ALA A 149 -10.65 -1.90 -3.43
N ARG A 150 -10.10 -1.33 -4.51
CA ARG A 150 -10.54 -1.72 -5.85
C ARG A 150 -10.12 -3.14 -6.22
N VAL A 151 -8.93 -3.55 -5.81
CA VAL A 151 -8.44 -4.89 -6.14
C VAL A 151 -9.15 -5.95 -5.31
N LEU A 152 -9.30 -5.69 -4.02
CA LEU A 152 -9.93 -6.66 -3.12
C LEU A 152 -11.44 -6.70 -3.23
N GLY A 153 -12.08 -5.59 -3.59
CA GLY A 153 -13.51 -5.59 -3.83
C GLY A 153 -14.37 -6.03 -2.65
N ASP A 154 -15.49 -6.69 -2.95
CA ASP A 154 -16.46 -7.05 -1.91
C ASP A 154 -16.11 -8.37 -1.20
N GLU A 155 -14.91 -8.90 -1.47
CA GLU A 155 -14.43 -10.10 -0.78
C GLU A 155 -13.98 -9.85 0.67
N VAL A 156 -13.67 -8.61 1.01
CA VAL A 156 -13.03 -8.33 2.31
C VAL A 156 -13.92 -7.52 3.25
N ASP A 157 -13.69 -7.67 4.55
CA ASP A 157 -14.27 -6.79 5.55
C ASP A 157 -13.27 -5.69 5.79
N ILE A 158 -13.72 -4.44 5.81
CA ILE A 158 -12.76 -3.34 6.01
C ILE A 158 -12.97 -2.64 7.35
N GLU A 159 -11.90 -2.55 8.13
CA GLU A 159 -11.97 -2.07 9.48
C GLU A 159 -10.85 -1.07 9.66
N ILE A 160 -11.16 0.06 10.28
CA ILE A 160 -10.17 1.12 10.49
C ILE A 160 -9.93 1.22 11.96
N ILE A 161 -8.67 1.03 12.36
CA ILE A 161 -8.30 1.01 13.76
C ILE A 161 -7.37 2.20 13.99
N GLU A 162 -7.66 3.06 14.96
CA GLU A 162 -6.75 4.19 15.20
C GLU A 162 -6.57 4.37 16.69
N ALA A 163 -5.40 4.90 17.07
CA ALA A 163 -5.10 5.23 18.46
C ALA A 163 -4.56 6.65 18.53
N HIS A 164 -5.04 7.39 19.52
CA HIS A 164 -4.54 8.74 19.83
C HIS A 164 -4.52 8.92 21.32
N HIS A 165 -3.75 9.92 21.76
CA HIS A 165 -3.59 10.28 23.17
C HIS A 165 -4.87 10.57 23.96
N ARG A 166 -4.72 10.63 25.28
CA ARG A 166 -5.84 10.76 26.21
C ARG A 166 -6.50 12.14 26.20
N HIS A 167 -5.94 13.10 25.47
CA HIS A 167 -6.54 14.44 25.48
C HIS A 167 -7.38 14.75 24.24
N LYS A 168 -7.34 13.88 23.24
CA LYS A 168 -8.04 14.12 21.98
C LYS A 168 -9.54 14.04 22.20
N VAL A 169 -10.27 15.06 21.75
CA VAL A 169 -11.69 15.16 22.08
C VAL A 169 -12.60 14.55 21.00
N ASP A 170 -12.09 14.42 19.77
CA ASP A 170 -12.92 13.91 18.66
C ASP A 170 -12.56 12.48 18.23
N ALA A 171 -13.59 11.68 17.94
CA ALA A 171 -13.42 10.28 17.51
C ALA A 171 -14.42 9.85 16.43
N PRO A 172 -13.96 9.01 15.46
CA PRO A 172 -12.55 8.73 15.15
C PRO A 172 -11.90 9.99 14.60
N SER A 173 -10.59 9.94 14.42
CA SER A 173 -9.81 11.08 13.96
C SER A 173 -10.22 11.51 12.56
N GLY A 174 -9.89 12.75 12.20
CA GLY A 174 -10.16 13.26 10.86
C GLY A 174 -9.50 12.41 9.79
N THR A 175 -8.29 11.95 10.08
CA THR A 175 -7.52 11.09 9.19
C THR A 175 -8.20 9.73 9.02
N ALA A 176 -8.69 9.14 10.10
CA ALA A 176 -9.39 7.85 9.99
C ALA A 176 -10.66 7.99 9.14
N LEU A 177 -11.40 9.08 9.37
CA LEU A 177 -12.62 9.32 8.61
C LEU A 177 -12.30 9.51 7.12
N ARG A 178 -11.19 10.20 6.82
CA ARG A 178 -10.80 10.39 5.42
CA ARG A 178 -10.77 10.40 5.42
C ARG A 178 -10.42 9.07 4.78
N MET A 179 -9.70 8.23 5.52
CA MET A 179 -9.39 6.88 5.04
C MET A 179 -10.69 6.11 4.77
N GLY A 180 -11.66 6.24 5.68
CA GLY A 180 -12.95 5.60 5.49
C GLY A 180 -13.66 6.04 4.21
N GLU A 181 -13.58 7.33 3.93
CA GLU A 181 -14.21 7.91 2.75
C GLU A 181 -13.54 7.44 1.45
N VAL A 182 -12.21 7.31 1.47
CA VAL A 182 -11.48 6.84 0.29
C VAL A 182 -11.95 5.43 -0.08
N VAL A 183 -12.03 4.58 0.93
CA VAL A 183 -12.45 3.21 0.75
C VAL A 183 -13.92 3.15 0.32
N ALA A 184 -14.78 3.87 1.01
CA ALA A 184 -16.20 3.92 0.66
C ALA A 184 -16.38 4.34 -0.80
N GLN A 185 -15.70 5.41 -1.21
CA GLN A 185 -15.82 5.90 -2.58
C GLN A 185 -15.32 4.87 -3.59
N ALA A 186 -14.21 4.21 -3.29
CA ALA A 186 -13.64 3.19 -4.18
C ALA A 186 -14.62 2.03 -4.42
N LEU A 187 -15.43 1.72 -3.41
CA LEU A 187 -16.36 0.60 -3.51
C LEU A 187 -17.80 1.01 -3.75
N GLY A 188 -18.03 2.30 -4.01
CA GLY A 188 -19.36 2.79 -4.27
C GLY A 188 -20.32 2.73 -3.09
N ARG A 189 -19.80 2.90 -1.89
CA ARG A 189 -20.62 2.92 -0.68
C ARG A 189 -20.74 4.32 -0.10
N ASP A 190 -21.77 4.51 0.70
CA ASP A 190 -21.95 5.74 1.45
C ASP A 190 -21.44 5.51 2.85
N LEU A 191 -20.34 6.16 3.20
CA LEU A 191 -19.69 5.94 4.49
C LEU A 191 -20.66 6.11 5.65
N GLN A 192 -21.48 7.16 5.59
CA GLN A 192 -22.35 7.46 6.71
C GLN A 192 -23.39 6.36 6.94
N GLU A 193 -23.76 5.66 5.89
CA GLU A 193 -24.75 4.61 6.07
CA GLU A 193 -24.73 4.58 5.98
C GLU A 193 -24.10 3.29 6.51
N VAL A 194 -22.86 3.02 6.10
CA VAL A 194 -22.27 1.73 6.46
C VAL A 194 -21.30 1.76 7.64
N ALA A 195 -21.02 2.94 8.20
CA ALA A 195 -20.02 3.03 9.27
C ALA A 195 -20.57 2.51 10.61
N VAL A 196 -19.72 1.79 11.34
CA VAL A 196 -20.01 1.38 12.71
C VAL A 196 -18.86 1.86 13.60
N TYR A 197 -19.16 2.46 14.76
CA TYR A 197 -18.14 3.10 15.57
C TYR A 197 -17.85 2.41 16.91
N GLY A 198 -18.60 1.36 17.20
CA GLY A 198 -18.46 0.61 18.43
C GLY A 198 -19.24 -0.67 18.35
N ARG A 199 -18.96 -1.61 19.25
CA ARG A 199 -19.71 -2.87 19.30
C ARG A 199 -19.88 -3.31 20.75
N GLU A 200 -21.13 -3.58 21.11
CA GLU A 200 -21.46 -3.98 22.48
C GLU A 200 -22.65 -4.93 22.49
N GLY A 201 -22.50 -6.09 23.11
CA GLY A 201 -23.60 -7.04 23.21
C GLY A 201 -23.73 -7.94 21.99
N GLN A 202 -24.95 -8.37 21.70
CA GLN A 202 -25.20 -9.24 20.55
C GLN A 202 -25.27 -8.46 19.24
N THR A 203 -24.14 -8.20 18.61
CA THR A 203 -24.13 -7.38 17.42
C THR A 203 -24.49 -8.19 16.16
N GLY A 204 -24.33 -9.52 16.23
CA GLY A 204 -24.63 -10.37 15.08
C GLY A 204 -23.51 -10.50 14.07
N ALA A 205 -23.71 -11.38 13.09
CA ALA A 205 -22.73 -11.60 12.04
C ALA A 205 -22.49 -10.30 11.27
N ARG A 206 -21.24 -10.05 10.88
CA ARG A 206 -20.89 -8.80 10.23
C ARG A 206 -21.39 -8.70 8.79
N ALA A 207 -22.01 -7.58 8.45
CA ALA A 207 -22.42 -7.33 7.06
C ALA A 207 -21.18 -6.99 6.25
N ARG A 208 -21.07 -7.50 5.03
CA ARG A 208 -19.86 -7.26 4.24
C ARG A 208 -19.61 -5.77 3.95
N GLU A 209 -20.69 -5.00 3.77
CA GLU A 209 -20.54 -3.61 3.35
CA GLU A 209 -20.58 -3.61 3.35
C GLU A 209 -20.08 -2.70 4.47
N THR A 210 -20.27 -3.14 5.72
CA THR A 210 -19.89 -2.33 6.88
C THR A 210 -18.45 -1.85 6.78
N ILE A 211 -18.22 -0.59 7.14
CA ILE A 211 -16.87 -0.10 7.38
C ILE A 211 -16.77 0.15 8.88
N GLY A 212 -15.96 -0.64 9.58
CA GLY A 212 -15.92 -0.58 11.03
C GLY A 212 -14.81 0.33 11.54
N PHE A 213 -15.10 1.07 12.60
CA PHE A 213 -14.09 1.91 13.26
C PHE A 213 -13.86 1.45 14.68
N ALA A 214 -12.60 1.10 15.00
CA ALA A 214 -12.24 0.70 16.34
C ALA A 214 -11.27 1.76 16.80
N THR A 215 -11.64 2.47 17.86
CA THR A 215 -10.92 3.67 18.24
C THR A 215 -10.40 3.57 19.65
N VAL A 216 -9.08 3.73 19.76
CA VAL A 216 -8.35 3.66 21.01
C VAL A 216 -7.99 5.06 21.47
N ARG A 217 -8.23 5.35 22.74
CA ARG A 217 -7.79 6.61 23.33
C ARG A 217 -6.92 6.28 24.52
N ALA A 218 -5.66 6.69 24.50
CA ALA A 218 -4.74 6.26 25.55
C ALA A 218 -3.45 7.04 25.54
N GLY A 219 -2.99 7.43 26.72
CA GLY A 219 -1.63 7.91 26.89
C GLY A 219 -1.25 9.13 26.06
N ASP A 220 -0.09 9.04 25.40
CA ASP A 220 0.43 10.19 24.66
C ASP A 220 0.52 9.91 23.15
N VAL A 221 -0.26 8.94 22.66
CA VAL A 221 -0.06 8.49 21.28
C VAL A 221 -0.30 9.61 20.28
N VAL A 222 0.69 9.84 19.41
CA VAL A 222 0.60 10.98 18.49
C VAL A 222 -0.45 10.73 17.41
N GLY A 223 -0.49 9.47 16.95
CA GLY A 223 -1.49 9.06 15.97
C GLY A 223 -1.11 7.82 15.17
N ASP A 224 -1.74 6.69 15.48
CA ASP A 224 -1.61 5.47 14.69
C ASP A 224 -2.90 5.23 13.88
N HIS A 225 -2.76 4.83 12.60
CA HIS A 225 -3.90 4.53 11.74
C HIS A 225 -3.64 3.23 10.96
N THR A 226 -4.56 2.29 11.09
CA THR A 226 -4.48 1.05 10.32
C THR A 226 -5.81 0.79 9.62
N VAL A 227 -5.73 0.47 8.34
CA VAL A 227 -6.89 -0.05 7.62
C VAL A 227 -6.61 -1.52 7.38
N LEU A 228 -7.49 -2.36 7.92
CA LEU A 228 -7.46 -3.82 7.74
C LEU A 228 -8.45 -4.22 6.65
N PHE A 229 -7.98 -5.03 5.70
CA PHE A 229 -8.83 -5.64 4.69
C PHE A 229 -8.73 -7.15 4.93
N ALA A 230 -9.81 -7.79 5.34
CA ALA A 230 -9.72 -9.18 5.81
C ALA A 230 -10.69 -10.08 5.08
N ALA A 231 -10.18 -11.21 4.60
CA ALA A 231 -11.04 -12.20 3.98
C ALA A 231 -10.60 -13.57 4.42
N GLU A 232 -11.29 -14.62 3.98
CA GLU A 232 -10.89 -15.98 4.29
CA GLU A 232 -10.86 -15.96 4.34
C GLU A 232 -9.46 -16.21 3.80
N GLY A 233 -8.58 -16.61 4.70
CA GLY A 233 -7.22 -16.91 4.31
C GLY A 233 -6.21 -15.80 4.45
N GLU A 234 -6.63 -14.54 4.50
CA GLU A 234 -5.63 -13.47 4.52
C GLU A 234 -6.14 -12.12 5.04
N ARG A 235 -5.21 -11.36 5.60
CA ARG A 235 -5.40 -9.96 5.99
C ARG A 235 -4.36 -9.10 5.28
N VAL A 236 -4.78 -7.92 4.82
CA VAL A 236 -3.88 -6.89 4.31
C VAL A 236 -4.05 -5.69 5.22
N GLU A 237 -2.95 -5.13 5.72
CA GLU A 237 -3.05 -3.92 6.55
C GLU A 237 -2.16 -2.84 5.98
N ILE A 238 -2.72 -1.63 5.92
CA ILE A 238 -1.99 -0.45 5.49
C ILE A 238 -1.97 0.47 6.70
N THR A 239 -0.77 0.85 7.15
CA THR A 239 -0.63 1.47 8.46
C THR A 239 0.26 2.69 8.41
N HIS A 240 -0.19 3.77 9.06
CA HIS A 240 0.63 4.97 9.26
C HIS A 240 0.79 5.26 10.75
N LYS A 241 2.03 5.44 11.19
CA LYS A 241 2.33 5.73 12.59
C LYS A 241 3.06 7.05 12.65
N ALA A 242 2.46 8.05 13.29
CA ALA A 242 3.12 9.35 13.40
C ALA A 242 3.85 9.44 14.71
N SER A 243 5.03 10.06 14.70
CA SER A 243 5.78 10.21 15.94
C SER A 243 5.91 11.67 16.31
N SER A 244 5.72 12.56 15.34
CA SER A 244 5.81 13.99 15.59
C SER A 244 5.24 14.79 14.43
N ARG A 245 5.14 16.12 14.60
CA ARG A 245 4.61 16.96 13.54
CA ARG A 245 4.62 16.98 13.55
C ARG A 245 5.67 17.29 12.48
N MET A 246 6.85 16.73 12.64
CA MET A 246 7.89 16.93 11.64
C MET A 246 7.45 16.36 10.29
N THR A 247 6.54 15.38 10.31
CA THR A 247 6.08 14.80 9.06
C THR A 247 5.41 15.88 8.18
N PHE A 248 4.68 16.81 8.80
CA PHE A 248 4.01 17.83 8.00
C PHE A 248 5.03 18.83 7.48
N ALA A 249 6.06 19.09 8.29
CA ALA A 249 7.07 20.07 7.90
C ALA A 249 7.85 19.54 6.70
N ARG A 250 8.18 18.25 6.74
CA ARG A 250 8.95 17.65 5.66
C ARG A 250 8.16 17.63 4.36
N GLY A 251 6.85 17.36 4.44
CA GLY A 251 6.02 17.37 3.26
C GLY A 251 5.88 18.76 2.65
N ALA A 252 5.82 19.78 3.50
CA ALA A 252 5.73 21.17 3.03
C ALA A 252 7.00 21.58 2.27
N VAL A 253 8.14 21.17 2.80
CA VAL A 253 9.41 21.48 2.15
C VAL A 253 9.49 20.75 0.80
N ARG A 254 9.05 19.50 0.76
CA ARG A 254 9.01 18.79 -0.52
C ARG A 254 8.17 19.55 -1.55
N ALA A 255 7.02 20.04 -1.10
CA ALA A 255 6.14 20.84 -1.95
C ALA A 255 6.87 22.07 -2.46
N ALA A 256 7.63 22.70 -1.57
CA ALA A 256 8.33 23.93 -1.94
C ALA A 256 9.31 23.69 -3.07
N LEU A 257 9.98 22.55 -3.01
CA LEU A 257 10.94 22.16 -4.03
C LEU A 257 10.24 21.76 -5.32
N TRP A 258 9.16 20.99 -5.18
CA TRP A 258 8.37 20.52 -6.32
C TRP A 258 7.89 21.70 -7.18
N LEU A 259 7.62 22.82 -6.53
CA LEU A 259 7.02 23.98 -7.20
C LEU A 259 7.93 24.61 -8.25
N GLU A 260 9.22 24.32 -8.16
CA GLU A 260 10.19 24.92 -9.08
C GLU A 260 9.83 24.59 -10.54
N GLY A 261 9.70 25.64 -11.35
CA GLY A 261 9.38 25.49 -12.76
C GLY A 261 7.93 25.16 -13.07
N LYS A 262 7.05 25.18 -12.07
CA LYS A 262 5.67 24.80 -12.29
C LYS A 262 4.83 25.98 -12.78
N GLU A 263 3.86 25.67 -13.63
CA GLU A 263 2.90 26.65 -14.11
C GLU A 263 2.04 27.15 -12.97
N ASN A 264 1.51 28.37 -13.11
CA ASN A 264 0.56 28.91 -12.14
C ASN A 264 -0.62 27.94 -11.94
N GLY A 265 -1.10 27.86 -10.71
CA GLY A 265 -2.21 26.97 -10.42
C GLY A 265 -2.31 26.65 -8.94
N LEU A 266 -3.36 25.92 -8.58
CA LEU A 266 -3.57 25.50 -7.21
C LEU A 266 -3.38 23.98 -7.12
N TYR A 267 -2.34 23.57 -6.41
CA TYR A 267 -1.97 22.16 -6.32
C TYR A 267 -2.13 21.64 -4.91
N ASP A 268 -2.18 20.32 -4.77
CA ASP A 268 -2.18 19.70 -3.45
C ASP A 268 -1.11 18.60 -3.39
N MET A 269 -1.09 17.84 -2.30
CA MET A 269 -0.03 16.84 -2.14
C MET A 269 -0.18 15.66 -3.11
N GLN A 270 -1.38 15.45 -3.64
CA GLN A 270 -1.53 14.40 -4.65
C GLN A 270 -0.75 14.79 -5.92
N ASP A 271 -0.68 16.09 -6.21
CA ASP A 271 0.12 16.58 -7.31
C ASP A 271 1.61 16.47 -7.03
N VAL A 272 1.99 16.88 -5.82
CA VAL A 272 3.38 16.87 -5.40
C VAL A 272 3.94 15.46 -5.47
N LEU A 273 3.12 14.50 -5.07
CA LEU A 273 3.56 13.12 -4.97
C LEU A 273 3.32 12.36 -6.27
N GLY A 274 2.66 13.01 -7.22
CA GLY A 274 2.40 12.39 -8.52
C GLY A 274 1.42 11.24 -8.41
N LEU A 275 0.42 11.41 -7.55
CA LEU A 275 -0.53 10.33 -7.25
C LEU A 275 -1.88 10.56 -7.89
N ARG A 276 -2.06 11.73 -8.48
CA ARG A 276 -3.33 12.05 -9.13
C ARG A 276 -3.32 11.60 -10.57
N MET B 9 -22.65 -21.23 -15.73
CA MET B 9 -21.55 -21.20 -14.77
C MET B 9 -20.25 -21.65 -15.43
N ARG B 10 -19.13 -21.37 -14.78
CA ARG B 10 -17.83 -21.77 -15.29
C ARG B 10 -17.47 -23.15 -14.78
N ARG B 11 -17.14 -24.06 -15.70
CA ARG B 11 -16.85 -25.44 -15.34
C ARG B 11 -15.38 -25.62 -15.02
N ILE B 12 -15.08 -25.85 -13.75
CA ILE B 12 -13.71 -25.96 -13.31
C ILE B 12 -13.32 -27.41 -12.95
N ALA B 13 -12.18 -27.85 -13.47
CA ALA B 13 -11.57 -29.11 -13.05
C ALA B 13 -10.35 -28.81 -12.19
N VAL B 14 -10.06 -29.71 -11.25
CA VAL B 14 -8.88 -29.56 -10.42
C VAL B 14 -8.06 -30.82 -10.53
N VAL B 15 -6.77 -30.66 -10.83
CA VAL B 15 -5.86 -31.80 -10.89
C VAL B 15 -4.90 -31.70 -9.71
N GLY B 16 -4.62 -32.83 -9.08
CA GLY B 16 -3.96 -32.84 -7.79
C GLY B 16 -5.00 -32.61 -6.72
N ALA B 17 -6.21 -33.11 -6.99
CA ALA B 17 -7.37 -32.76 -6.17
C ALA B 17 -7.31 -33.35 -4.76
N ALA B 18 -6.47 -34.37 -4.58
CA ALA B 18 -6.33 -35.00 -3.27
C ALA B 18 -5.19 -34.38 -2.46
N GLY B 19 -4.39 -33.55 -3.11
CA GLY B 19 -3.30 -32.87 -2.44
C GLY B 19 -3.73 -31.75 -1.51
N ARG B 20 -2.75 -31.13 -0.85
CA ARG B 20 -3.05 -30.04 0.06
C ARG B 20 -3.74 -28.89 -0.67
N MET B 21 -3.14 -28.40 -1.74
CA MET B 21 -3.76 -27.28 -2.47
C MET B 21 -5.03 -27.76 -3.17
N GLY B 22 -4.99 -29.00 -3.64
CA GLY B 22 -6.15 -29.59 -4.27
C GLY B 22 -7.40 -29.50 -3.44
N LYS B 23 -7.30 -29.90 -2.18
CA LYS B 23 -8.44 -29.85 -1.26
C LYS B 23 -8.92 -28.42 -1.06
N ASN B 24 -7.98 -27.50 -0.91
CA ASN B 24 -8.32 -26.09 -0.75
C ASN B 24 -8.99 -25.55 -2.01
N LEU B 25 -8.54 -26.02 -3.16
CA LEU B 25 -9.12 -25.57 -4.44
C LEU B 25 -10.57 -26.01 -4.55
N ILE B 26 -10.84 -27.26 -4.18
CA ILE B 26 -12.20 -27.79 -4.18
C ILE B 26 -13.12 -26.90 -3.35
N GLU B 27 -12.66 -26.53 -2.16
CA GLU B 27 -13.43 -25.67 -1.27
C GLU B 27 -13.61 -24.27 -1.85
N ALA B 28 -12.53 -23.71 -2.38
CA ALA B 28 -12.59 -22.37 -2.96
C ALA B 28 -13.54 -22.32 -4.17
N VAL B 29 -13.56 -23.38 -4.96
CA VAL B 29 -14.46 -23.44 -6.12
C VAL B 29 -15.91 -23.49 -5.68
N GLN B 30 -16.21 -24.35 -4.70
CA GLN B 30 -17.56 -24.51 -4.20
C GLN B 30 -18.09 -23.26 -3.51
N GLN B 31 -17.18 -22.38 -3.11
CA GLN B 31 -17.57 -21.19 -2.35
C GLN B 31 -17.86 -19.97 -3.23
N THR B 32 -17.89 -20.18 -4.54
CA THR B 32 -18.00 -19.05 -5.46
C THR B 32 -19.43 -18.52 -5.60
N GLY B 33 -20.35 -19.05 -4.79
CA GLY B 33 -21.73 -18.62 -4.84
C GLY B 33 -22.45 -18.96 -6.12
N GLY B 34 -21.92 -19.93 -6.85
CA GLY B 34 -22.57 -20.41 -8.06
C GLY B 34 -22.04 -19.82 -9.35
N ALA B 35 -21.08 -18.91 -9.24
CA ALA B 35 -20.42 -18.36 -10.41
C ALA B 35 -19.71 -19.50 -11.14
N ALA B 36 -19.05 -20.35 -10.36
CA ALA B 36 -18.37 -21.52 -10.88
C ALA B 36 -18.83 -22.77 -10.13
N GLY B 37 -18.45 -23.92 -10.66
CA GLY B 37 -18.73 -25.19 -10.02
C GLY B 37 -17.70 -26.24 -10.42
N LEU B 38 -17.39 -27.14 -9.51
CA LEU B 38 -16.47 -28.23 -9.82
C LEU B 38 -17.15 -29.26 -10.69
N THR B 39 -16.50 -29.66 -11.78
CA THR B 39 -17.06 -30.73 -12.63
C THR B 39 -16.13 -31.92 -12.77
N ALA B 40 -14.86 -31.76 -12.38
CA ALA B 40 -13.93 -32.87 -12.44
C ALA B 40 -12.84 -32.73 -11.39
N ALA B 41 -12.34 -33.86 -10.93
CA ALA B 41 -11.29 -33.87 -9.93
C ALA B 41 -10.36 -35.06 -10.19
N VAL B 42 -9.09 -34.77 -10.44
CA VAL B 42 -8.13 -35.81 -10.81
C VAL B 42 -6.94 -35.80 -9.87
N ASP B 43 -6.53 -36.98 -9.44
CA ASP B 43 -5.25 -37.14 -8.76
C ASP B 43 -4.51 -38.27 -9.47
N ARG B 44 -3.48 -38.83 -8.83
CA ARG B 44 -2.74 -39.94 -9.42
C ARG B 44 -3.67 -41.12 -9.71
N PRO B 45 -3.48 -41.79 -10.87
CA PRO B 45 -4.24 -43.01 -11.16
C PRO B 45 -3.88 -44.08 -10.12
N ASP B 46 -2.69 -43.86 -9.58
CA ASP B 46 -2.11 -44.63 -8.50
C ASP B 46 -2.94 -44.57 -7.21
N SER B 47 -3.74 -43.52 -7.07
CA SER B 47 -4.37 -43.18 -5.80
C SER B 47 -5.35 -44.21 -5.28
N THR B 48 -5.30 -44.44 -3.97
CA THR B 48 -6.26 -45.33 -3.31
C THR B 48 -7.57 -44.58 -3.08
N LEU B 49 -7.53 -43.26 -3.24
CA LEU B 49 -8.70 -42.43 -3.02
C LEU B 49 -9.60 -42.34 -4.26
N VAL B 50 -9.16 -42.96 -5.36
CA VAL B 50 -9.91 -42.94 -6.61
C VAL B 50 -11.32 -43.46 -6.40
N GLY B 51 -12.31 -42.68 -6.84
CA GLY B 51 -13.70 -43.06 -6.70
C GLY B 51 -14.42 -42.26 -5.63
N ALA B 52 -13.67 -41.81 -4.62
CA ALA B 52 -14.24 -41.09 -3.50
C ALA B 52 -14.75 -39.73 -3.95
N ASP B 53 -15.80 -39.24 -3.30
CA ASP B 53 -16.37 -37.93 -3.64
C ASP B 53 -15.38 -36.81 -3.35
N ALA B 54 -15.33 -35.83 -4.24
CA ALA B 54 -14.38 -34.71 -4.12
C ALA B 54 -14.72 -33.81 -2.93
N GLY B 55 -16.02 -33.66 -2.66
CA GLY B 55 -16.46 -32.87 -1.53
C GLY B 55 -16.07 -33.52 -0.21
N GLU B 56 -16.41 -34.81 -0.08
CA GLU B 56 -16.08 -35.59 1.11
C GLU B 56 -14.58 -35.62 1.39
N LEU B 57 -13.79 -35.79 0.33
CA LEU B 57 -12.35 -35.88 0.45
C LEU B 57 -11.75 -34.55 0.95
N ALA B 58 -12.45 -33.46 0.68
CA ALA B 58 -11.99 -32.13 1.11
C ALA B 58 -12.68 -31.69 2.39
N GLY B 59 -13.35 -32.63 3.07
CA GLY B 59 -14.01 -32.34 4.32
C GLY B 59 -15.31 -31.56 4.17
N LEU B 60 -15.82 -31.49 2.94
CA LEU B 60 -17.08 -30.80 2.69
C LEU B 60 -18.20 -31.83 2.59
N GLY B 61 -19.41 -31.35 2.34
CA GLY B 61 -20.52 -32.24 2.09
C GLY B 61 -20.30 -32.94 0.76
N ARG B 62 -21.04 -34.03 0.52
CA ARG B 62 -20.95 -34.72 -0.75
C ARG B 62 -21.25 -33.76 -1.89
N ILE B 63 -20.35 -33.69 -2.87
CA ILE B 63 -20.48 -32.73 -3.96
C ILE B 63 -21.09 -33.37 -5.20
N GLY B 64 -20.87 -34.66 -5.39
CA GLY B 64 -21.36 -35.35 -6.57
C GLY B 64 -20.33 -35.42 -7.68
N VAL B 65 -19.06 -35.33 -7.30
CA VAL B 65 -17.94 -35.38 -8.24
C VAL B 65 -16.92 -36.39 -7.74
N PRO B 66 -16.89 -37.57 -8.36
CA PRO B 66 -15.91 -38.57 -7.93
C PRO B 66 -14.48 -38.21 -8.35
N LEU B 67 -13.51 -38.61 -7.55
CA LEU B 67 -12.11 -38.40 -7.89
C LEU B 67 -11.69 -39.30 -9.04
N SER B 68 -11.38 -38.71 -10.18
CA SER B 68 -10.94 -39.46 -11.35
C SER B 68 -9.43 -39.67 -11.32
N GLY B 69 -8.95 -40.57 -12.16
CA GLY B 69 -7.52 -40.88 -12.20
C GLY B 69 -6.84 -40.52 -13.51
N ASP B 70 -7.64 -40.06 -14.47
CA ASP B 70 -7.14 -39.79 -15.82
C ASP B 70 -7.75 -38.49 -16.35
N LEU B 71 -6.91 -37.49 -16.60
CA LEU B 71 -7.36 -36.22 -17.16
C LEU B 71 -8.03 -36.43 -18.52
N GLY B 72 -7.54 -37.43 -19.26
CA GLY B 72 -8.08 -37.72 -20.58
C GLY B 72 -9.51 -38.23 -20.58
N LYS B 73 -9.90 -38.89 -19.50
CA LYS B 73 -11.25 -39.42 -19.37
C LYS B 73 -12.30 -38.32 -19.24
N VAL B 74 -11.90 -37.17 -18.71
CA VAL B 74 -12.84 -36.08 -18.44
C VAL B 74 -12.48 -34.81 -19.22
N CYS B 75 -11.66 -34.97 -20.26
CA CYS B 75 -11.10 -33.83 -21.00
C CYS B 75 -12.14 -32.88 -21.58
N GLU B 76 -13.33 -33.40 -21.90
CA GLU B 76 -14.35 -32.61 -22.58
C GLU B 76 -15.47 -32.16 -21.64
N GLU B 77 -15.15 -31.95 -20.37
CA GLU B 77 -16.19 -31.67 -19.37
C GLU B 77 -15.89 -30.44 -18.51
N PHE B 78 -14.90 -29.66 -18.90
CA PHE B 78 -14.55 -28.47 -18.14
C PHE B 78 -14.07 -27.34 -19.05
N ASP B 79 -14.23 -26.11 -18.57
CA ASP B 79 -13.79 -24.94 -19.30
C ASP B 79 -12.34 -24.60 -18.95
N VAL B 80 -11.96 -24.82 -17.70
CA VAL B 80 -10.62 -24.45 -17.25
C VAL B 80 -10.09 -25.47 -16.24
N LEU B 81 -8.80 -25.81 -16.37
CA LEU B 81 -8.13 -26.71 -15.44
C LEU B 81 -7.23 -25.95 -14.48
N ILE B 82 -7.42 -26.14 -13.18
CA ILE B 82 -6.51 -25.58 -12.18
C ILE B 82 -5.54 -26.68 -11.73
N ASP B 83 -4.23 -26.39 -11.83
CA ASP B 83 -3.16 -27.39 -11.68
C ASP B 83 -2.15 -27.01 -10.61
N PHE B 84 -2.25 -27.62 -9.43
CA PHE B 84 -1.20 -27.53 -8.42
C PHE B 84 -0.67 -28.94 -8.15
N THR B 85 0.32 -29.38 -8.93
CA THR B 85 0.87 -30.73 -8.75
C THR B 85 2.39 -30.71 -8.68
N HIS B 86 3.04 -30.97 -9.81
CA HIS B 86 4.49 -31.12 -9.89
C HIS B 86 4.87 -30.89 -11.36
N PRO B 87 6.05 -30.29 -11.61
CA PRO B 87 6.43 -29.92 -12.98
C PRO B 87 6.25 -31.04 -14.00
N SER B 88 6.73 -32.23 -13.67
CA SER B 88 6.62 -33.36 -14.59
C SER B 88 5.17 -33.68 -14.92
N VAL B 89 4.29 -33.52 -13.93
CA VAL B 89 2.87 -33.79 -14.11
C VAL B 89 2.21 -32.70 -14.96
N THR B 90 2.51 -31.45 -14.63
CA THR B 90 1.94 -30.31 -15.35
C THR B 90 2.33 -30.29 -16.84
N LEU B 91 3.58 -30.61 -17.15
CA LEU B 91 4.02 -30.65 -18.55
C LEU B 91 3.15 -31.59 -19.39
N LYS B 92 2.71 -32.69 -18.77
CA LYS B 92 1.80 -33.61 -19.44
C LYS B 92 0.37 -33.06 -19.46
N ASN B 93 -0.06 -32.48 -18.34
CA ASN B 93 -1.38 -31.85 -18.26
C ASN B 93 -1.56 -30.79 -19.34
N ILE B 94 -0.49 -30.06 -19.60
CA ILE B 94 -0.49 -28.99 -20.59
C ILE B 94 -0.80 -29.50 -21.99
N GLU B 95 -0.13 -30.57 -22.39
CA GLU B 95 -0.32 -31.10 -23.74
C GLU B 95 -1.74 -31.60 -23.97
N GLN B 96 -2.35 -32.18 -22.94
CA GLN B 96 -3.74 -32.61 -23.01
C GLN B 96 -4.70 -31.42 -23.11
N CYS B 97 -4.47 -30.40 -22.28
CA CYS B 97 -5.30 -29.20 -22.35
C CYS B 97 -5.10 -28.46 -23.66
N ARG B 98 -3.86 -28.44 -24.12
CA ARG B 98 -3.51 -27.81 -25.38
C ARG B 98 -4.28 -28.46 -26.53
N LYS B 99 -4.33 -29.78 -26.54
CA LYS B 99 -5.00 -30.51 -27.61
C LYS B 99 -6.53 -30.39 -27.50
N ALA B 100 -7.03 -30.38 -26.26
CA ALA B 100 -8.45 -30.24 -26.02
C ALA B 100 -8.86 -28.77 -26.05
N ARG B 101 -7.89 -27.91 -26.27
CA ARG B 101 -8.08 -26.46 -26.28
C ARG B 101 -8.79 -25.96 -25.01
N ARG B 102 -8.26 -26.35 -23.86
CA ARG B 102 -8.84 -25.96 -22.58
C ARG B 102 -7.88 -25.02 -21.83
N ALA B 103 -8.44 -23.98 -21.23
CA ALA B 103 -7.65 -23.00 -20.49
C ALA B 103 -7.09 -23.61 -19.20
N MET B 104 -5.99 -23.06 -18.70
CA MET B 104 -5.33 -23.58 -17.51
C MET B 104 -4.95 -22.49 -16.52
N VAL B 105 -5.02 -22.83 -15.24
CA VAL B 105 -4.43 -22.05 -14.17
C VAL B 105 -3.36 -22.94 -13.57
N ILE B 106 -2.10 -22.51 -13.64
CA ILE B 106 -0.99 -23.34 -13.20
C ILE B 106 -0.33 -22.74 -11.98
N GLY B 107 -0.46 -23.42 -10.84
CA GLY B 107 0.16 -22.96 -9.61
C GLY B 107 1.41 -23.74 -9.25
N THR B 108 1.60 -24.87 -9.92
CA THR B 108 2.82 -25.68 -9.79
C THR B 108 4.08 -24.83 -9.84
N THR B 109 5.02 -25.09 -8.93
CA THR B 109 6.28 -24.36 -8.91
C THR B 109 7.46 -25.28 -9.25
N GLY B 110 8.63 -24.68 -9.45
CA GLY B 110 9.84 -25.44 -9.68
C GLY B 110 10.16 -25.78 -11.13
N PHE B 111 9.64 -24.99 -12.06
CA PHE B 111 9.93 -25.22 -13.47
C PHE B 111 11.29 -24.65 -13.87
N SER B 112 11.98 -25.35 -14.77
CA SER B 112 13.22 -24.84 -15.35
C SER B 112 12.92 -23.72 -16.33
N ALA B 113 13.96 -23.02 -16.79
CA ALA B 113 13.77 -21.94 -17.76
C ALA B 113 13.28 -22.51 -19.08
N ASP B 114 13.78 -23.68 -19.44
CA ASP B 114 13.37 -24.35 -20.68
C ASP B 114 11.90 -24.73 -20.64
N GLU B 115 11.45 -25.24 -19.50
CA GLU B 115 10.07 -25.66 -19.32
C GLU B 115 9.11 -24.48 -19.35
N LYS B 116 9.53 -23.36 -18.79
CA LYS B 116 8.75 -22.13 -18.91
C LYS B 116 8.55 -21.76 -20.38
N LEU B 117 9.57 -21.97 -21.20
CA LEU B 117 9.44 -21.75 -22.64
C LEU B 117 8.40 -22.69 -23.24
N LEU B 118 8.36 -23.92 -22.73
CA LEU B 118 7.35 -24.88 -23.15
C LEU B 118 5.94 -24.44 -22.73
N LEU B 119 5.82 -23.86 -21.54
CA LEU B 119 4.53 -23.33 -21.09
C LEU B 119 4.07 -22.25 -22.06
N ALA B 120 4.98 -21.33 -22.37
CA ALA B 120 4.67 -20.25 -23.29
C ALA B 120 4.30 -20.79 -24.67
N GLU B 121 5.03 -21.81 -25.12
CA GLU B 121 4.77 -22.45 -26.40
C GLU B 121 3.33 -22.96 -26.44
N ALA B 122 2.90 -23.57 -25.34
CA ALA B 122 1.53 -24.06 -25.22
C ALA B 122 0.54 -22.90 -25.13
N ALA B 123 0.98 -21.81 -24.51
CA ALA B 123 0.13 -20.63 -24.32
C ALA B 123 -0.16 -19.95 -25.66
N LYS B 124 0.48 -20.42 -26.72
CA LYS B 124 0.19 -19.93 -28.07
C LYS B 124 -1.16 -20.46 -28.53
N ASP B 125 -1.60 -21.56 -27.92
CA ASP B 125 -2.82 -22.24 -28.36
C ASP B 125 -3.95 -22.17 -27.32
N ILE B 126 -3.61 -21.86 -26.07
CA ILE B 126 -4.62 -21.73 -25.01
C ILE B 126 -4.26 -20.59 -24.08
N PRO B 127 -5.27 -19.99 -23.44
CA PRO B 127 -4.96 -19.01 -22.39
C PRO B 127 -4.50 -19.70 -21.10
N ILE B 128 -3.42 -19.20 -20.50
CA ILE B 128 -2.86 -19.79 -19.29
C ILE B 128 -2.51 -18.72 -18.28
N VAL B 129 -2.95 -18.89 -17.03
CA VAL B 129 -2.44 -18.06 -15.94
C VAL B 129 -1.42 -18.87 -15.16
N PHE B 130 -0.19 -18.37 -15.13
CA PHE B 130 0.93 -19.03 -14.50
C PHE B 130 1.57 -18.06 -13.52
N ALA B 131 1.56 -18.40 -12.23
CA ALA B 131 2.06 -17.48 -11.22
C ALA B 131 2.77 -18.20 -10.08
N ALA B 132 3.87 -17.60 -9.63
CA ALA B 132 4.62 -18.13 -8.51
C ALA B 132 3.85 -17.98 -7.19
N ASN B 133 2.90 -17.05 -7.16
CA ASN B 133 2.12 -16.80 -5.95
C ASN B 133 0.70 -16.39 -6.35
N PHE B 134 -0.29 -17.17 -5.92
CA PHE B 134 -1.67 -16.90 -6.31
C PHE B 134 -2.47 -16.12 -5.27
N SER B 135 -1.83 -15.71 -4.18
CA SER B 135 -2.53 -14.91 -3.17
C SER B 135 -2.85 -13.53 -3.75
N VAL B 136 -4.14 -13.18 -3.72
CA VAL B 136 -4.55 -11.86 -4.19
C VAL B 136 -3.89 -10.75 -3.33
N GLY B 137 -3.92 -10.91 -2.00
CA GLY B 137 -3.30 -9.94 -1.11
C GLY B 137 -1.81 -9.75 -1.31
N VAL B 138 -1.06 -10.84 -1.54
CA VAL B 138 0.39 -10.70 -1.72
C VAL B 138 0.68 -9.94 -3.02
N ASN B 139 0.02 -10.33 -4.12
CA ASN B 139 0.27 -9.64 -5.39
C ASN B 139 -0.12 -8.16 -5.33
N LEU B 140 -1.21 -7.88 -4.62
CA LEU B 140 -1.60 -6.49 -4.39
C LEU B 140 -0.50 -5.74 -3.67
N CYS B 141 0.03 -6.35 -2.61
CA CYS B 141 1.09 -5.71 -1.84
C CYS B 141 2.32 -5.41 -2.70
N LEU B 142 2.69 -6.32 -3.60
CA LEU B 142 3.79 -6.09 -4.52
C LEU B 142 3.62 -4.79 -5.31
N LYS B 143 2.41 -4.53 -5.79
CA LYS B 143 2.14 -3.31 -6.53
C LYS B 143 2.20 -2.10 -5.59
N LEU B 144 1.59 -2.22 -4.42
CA LEU B 144 1.60 -1.12 -3.43
C LEU B 144 3.02 -0.75 -3.02
N LEU B 145 3.89 -1.76 -2.93
CA LEU B 145 5.29 -1.52 -2.58
C LEU B 145 6.02 -0.71 -3.64
N ASP B 146 5.76 -1.00 -4.91
CA ASP B 146 6.39 -0.25 -5.99
C ASP B 146 5.96 1.23 -5.90
N THR B 147 4.69 1.45 -5.65
CA THR B 147 4.17 2.82 -5.53
C THR B 147 4.80 3.53 -4.34
N ALA B 148 4.75 2.87 -3.20
CA ALA B 148 5.32 3.42 -1.97
C ALA B 148 6.81 3.75 -2.13
N ALA B 149 7.58 2.83 -2.70
CA ALA B 149 9.01 3.07 -2.88
C ALA B 149 9.30 4.26 -3.79
N ARG B 150 8.55 4.39 -4.88
CA ARG B 150 8.78 5.48 -5.82
C ARG B 150 8.44 6.83 -5.21
N VAL B 151 7.34 6.87 -4.46
CA VAL B 151 6.88 8.11 -3.84
C VAL B 151 7.83 8.57 -2.72
N LEU B 152 8.25 7.63 -1.87
CA LEU B 152 9.03 7.97 -0.68
C LEU B 152 10.50 8.15 -1.03
N GLY B 153 10.96 7.45 -2.06
CA GLY B 153 12.30 7.65 -2.58
C GLY B 153 13.40 7.32 -1.59
N ASP B 154 14.51 8.05 -1.70
CA ASP B 154 15.67 7.83 -0.83
C ASP B 154 15.55 8.51 0.53
N GLU B 155 14.36 9.00 0.86
CA GLU B 155 14.14 9.63 2.16
C GLU B 155 13.94 8.65 3.32
N VAL B 156 13.62 7.39 3.03
CA VAL B 156 13.21 6.47 4.06
C VAL B 156 14.17 5.30 4.20
N ASP B 157 14.16 4.72 5.39
CA ASP B 157 14.79 3.43 5.64
C ASP B 157 13.77 2.35 5.37
N ILE B 158 14.17 1.33 4.64
CA ILE B 158 13.23 0.28 4.26
C ILE B 158 13.66 -1.03 4.88
N GLU B 159 12.74 -1.63 5.65
CA GLU B 159 13.02 -2.82 6.44
C GLU B 159 11.91 -3.82 6.15
N ILE B 160 12.28 -5.10 5.97
CA ILE B 160 11.27 -6.10 5.63
C ILE B 160 11.25 -7.12 6.76
N ILE B 161 10.13 -7.20 7.46
CA ILE B 161 9.98 -8.04 8.64
C ILE B 161 9.03 -9.16 8.28
N GLU B 162 9.44 -10.40 8.48
CA GLU B 162 8.54 -11.52 8.21
C GLU B 162 8.60 -12.56 9.32
N ALA B 163 7.50 -13.30 9.50
CA ALA B 163 7.47 -14.43 10.44
C ALA B 163 6.85 -15.64 9.77
N HIS B 164 7.49 -16.78 9.98
CA HIS B 164 6.99 -18.10 9.55
C HIS B 164 7.22 -19.14 10.63
N HIS B 165 6.54 -20.28 10.46
CA HIS B 165 6.57 -21.39 11.39
C HIS B 165 7.95 -22.02 11.58
N ARG B 166 8.05 -22.86 12.60
CA ARG B 166 9.32 -23.42 13.06
C ARG B 166 9.90 -24.47 12.11
N HIS B 167 9.17 -24.86 11.08
CA HIS B 167 9.66 -25.92 10.17
C HIS B 167 10.13 -25.37 8.83
N LYS B 168 10.02 -24.05 8.64
CA LYS B 168 10.41 -23.45 7.36
C LYS B 168 11.94 -23.40 7.25
N VAL B 169 12.45 -23.83 6.11
CA VAL B 169 13.88 -24.08 5.96
C VAL B 169 14.64 -22.88 5.41
N ASP B 170 13.98 -22.04 4.63
CA ASP B 170 14.67 -20.96 3.93
C ASP B 170 14.33 -19.57 4.51
N ALA B 171 15.33 -18.70 4.57
CA ALA B 171 15.13 -17.34 5.11
C ALA B 171 15.90 -16.31 4.30
N PRO B 172 15.34 -15.10 4.11
CA PRO B 172 13.94 -14.74 4.33
C PRO B 172 13.07 -15.51 3.33
N SER B 173 11.75 -15.50 3.51
CA SER B 173 10.87 -16.19 2.56
C SER B 173 11.04 -15.69 1.12
N GLY B 174 10.58 -16.50 0.17
CA GLY B 174 10.59 -16.10 -1.22
C GLY B 174 9.75 -14.85 -1.42
N THR B 175 8.66 -14.76 -0.67
CA THR B 175 7.81 -13.57 -0.73
C THR B 175 8.55 -12.34 -0.20
N ALA B 176 9.27 -12.48 0.91
CA ALA B 176 10.05 -11.35 1.43
C ALA B 176 11.13 -10.91 0.45
N LEU B 177 11.79 -11.86 -0.19
CA LEU B 177 12.86 -11.51 -1.14
C LEU B 177 12.24 -10.82 -2.37
N ARG B 178 11.09 -11.29 -2.80
CA ARG B 178 10.40 -10.68 -3.93
CA ARG B 178 10.38 -10.68 -3.92
C ARG B 178 10.02 -9.24 -3.57
N MET B 179 9.52 -9.04 -2.35
CA MET B 179 9.21 -7.68 -1.91
C MET B 179 10.47 -6.81 -1.92
N GLY B 180 11.59 -7.41 -1.53
CA GLY B 180 12.87 -6.74 -1.56
C GLY B 180 13.25 -6.31 -2.96
N GLU B 181 13.04 -7.20 -3.92
CA GLU B 181 13.38 -6.95 -5.31
C GLU B 181 12.49 -5.84 -5.90
N VAL B 182 11.23 -5.81 -5.50
CA VAL B 182 10.30 -4.80 -6.01
C VAL B 182 10.78 -3.41 -5.58
N VAL B 183 11.07 -3.28 -4.29
CA VAL B 183 11.57 -2.01 -3.75
C VAL B 183 12.96 -1.65 -4.35
N ALA B 184 13.85 -2.63 -4.47
CA ALA B 184 15.18 -2.33 -5.01
C ALA B 184 15.11 -1.81 -6.45
N GLN B 185 14.27 -2.44 -7.26
CA GLN B 185 14.08 -2.08 -8.65
CA GLN B 185 14.14 -2.05 -8.65
C GLN B 185 13.53 -0.66 -8.79
N ALA B 186 12.59 -0.32 -7.92
CA ALA B 186 11.94 0.99 -7.97
C ALA B 186 12.91 2.12 -7.68
N LEU B 187 13.93 1.81 -6.86
CA LEU B 187 14.87 2.82 -6.39
C LEU B 187 16.23 2.69 -7.09
N GLY B 188 16.31 1.82 -8.09
CA GLY B 188 17.54 1.65 -8.85
C GLY B 188 18.67 1.06 -8.04
N ARG B 189 18.34 0.17 -7.11
CA ARG B 189 19.35 -0.52 -6.30
C ARG B 189 19.51 -1.98 -6.71
N ASP B 190 20.69 -2.53 -6.43
CA ASP B 190 20.98 -3.96 -6.57
C ASP B 190 20.73 -4.59 -5.20
N LEU B 191 19.65 -5.36 -5.09
CA LEU B 191 19.27 -5.96 -3.80
C LEU B 191 20.41 -6.75 -3.16
N GLN B 192 21.14 -7.50 -3.97
CA GLN B 192 22.24 -8.30 -3.42
C GLN B 192 23.30 -7.41 -2.79
N GLU B 193 23.48 -6.22 -3.36
CA GLU B 193 24.47 -5.27 -2.87
C GLU B 193 24.04 -4.58 -1.56
N VAL B 194 22.74 -4.31 -1.41
CA VAL B 194 22.29 -3.49 -0.28
C VAL B 194 21.58 -4.28 0.82
N ALA B 195 21.30 -5.56 0.60
CA ALA B 195 20.53 -6.31 1.59
C ALA B 195 21.35 -6.62 2.86
N VAL B 196 20.69 -6.55 4.00
CA VAL B 196 21.27 -6.90 5.29
C VAL B 196 20.30 -7.89 5.96
N TYR B 197 20.78 -9.03 6.46
CA TYR B 197 19.85 -10.08 6.91
C TYR B 197 19.86 -10.32 8.43
N GLY B 198 20.72 -9.58 9.12
CA GLY B 198 20.92 -9.76 10.54
C GLY B 198 21.74 -8.62 11.10
N ARG B 199 21.67 -8.44 12.42
CA ARG B 199 22.41 -7.34 13.07
C ARG B 199 22.90 -7.77 14.44
N GLU B 200 24.22 -7.68 14.65
CA GLU B 200 24.85 -8.16 15.87
C GLU B 200 26.06 -7.29 16.19
N GLY B 201 26.09 -6.74 17.40
CA GLY B 201 27.22 -5.94 17.86
C GLY B 201 27.19 -4.50 17.40
N GLN B 202 28.36 -3.93 17.15
CA GLN B 202 28.45 -2.54 16.70
C GLN B 202 28.27 -2.43 15.19
N THR B 203 27.03 -2.57 14.74
CA THR B 203 26.74 -2.48 13.31
C THR B 203 26.97 -1.08 12.75
N GLY B 204 27.00 -0.08 13.64
CA GLY B 204 27.14 1.31 13.21
C GLY B 204 25.85 1.89 12.67
N ALA B 205 25.85 3.20 12.42
CA ALA B 205 24.64 3.89 11.91
C ALA B 205 24.18 3.32 10.55
N ARG B 206 22.88 3.34 10.31
CA ARG B 206 22.29 2.69 9.13
C ARG B 206 22.52 3.49 7.84
N ALA B 207 23.05 2.85 6.81
CA ALA B 207 23.15 3.51 5.50
C ALA B 207 21.76 3.58 4.87
N ARG B 208 21.47 4.69 4.20
CA ARG B 208 20.11 4.88 3.69
C ARG B 208 19.73 3.85 2.62
N GLU B 209 20.72 3.37 1.85
CA GLU B 209 20.43 2.51 0.72
CA GLU B 209 20.48 2.50 0.70
C GLU B 209 20.15 1.07 1.15
N THR B 210 20.56 0.75 2.37
CA THR B 210 20.32 -0.58 2.94
C THR B 210 18.85 -1.00 2.88
N ILE B 211 18.61 -2.25 2.47
CA ILE B 211 17.30 -2.84 2.62
C ILE B 211 17.47 -3.96 3.65
N GLY B 212 16.91 -3.75 4.84
CA GLY B 212 17.12 -4.65 5.95
C GLY B 212 16.05 -5.72 6.02
N PHE B 213 16.46 -6.93 6.41
CA PHE B 213 15.53 -8.05 6.58
C PHE B 213 15.61 -8.54 8.01
N ALA B 214 14.47 -8.50 8.71
CA ALA B 214 14.37 -9.02 10.06
C ALA B 214 13.40 -10.19 10.01
N THR B 215 13.93 -11.37 10.25
CA THR B 215 13.19 -12.62 9.99
C THR B 215 12.94 -13.43 11.26
N VAL B 216 11.67 -13.73 11.51
CA VAL B 216 11.21 -14.42 12.71
C VAL B 216 10.88 -15.85 12.34
N ARG B 217 11.35 -16.80 13.13
CA ARG B 217 10.93 -18.20 12.92
C ARG B 217 10.31 -18.72 14.22
N ALA B 218 9.05 -19.14 14.19
CA ALA B 218 8.35 -19.45 15.44
C ALA B 218 7.03 -20.15 15.24
N GLY B 219 6.77 -21.12 16.11
CA GLY B 219 5.44 -21.73 16.20
C GLY B 219 4.85 -22.24 14.91
N ASP B 220 3.58 -21.91 14.67
CA ASP B 220 2.89 -22.41 13.50
C ASP B 220 2.58 -21.31 12.47
N VAL B 221 3.29 -20.18 12.54
CA VAL B 221 2.92 -19.02 11.73
C VAL B 221 2.92 -19.33 10.23
N VAL B 222 1.76 -19.17 9.59
CA VAL B 222 1.64 -19.54 8.18
C VAL B 222 2.44 -18.61 7.29
N GLY B 223 2.46 -17.32 7.63
CA GLY B 223 3.28 -16.33 6.94
C GLY B 223 2.81 -14.89 7.12
N ASP B 224 3.58 -14.12 7.90
CA ASP B 224 3.36 -12.67 8.07
C ASP B 224 4.49 -11.91 7.35
N HIS B 225 4.16 -10.88 6.58
CA HIS B 225 5.15 -10.06 5.87
C HIS B 225 4.82 -8.60 6.06
N THR B 226 5.79 -7.80 6.51
CA THR B 226 5.58 -6.37 6.66
C THR B 226 6.73 -5.62 5.99
N VAL B 227 6.44 -4.59 5.21
CA VAL B 227 7.50 -3.71 4.72
C VAL B 227 7.28 -2.37 5.42
N LEU B 228 8.33 -1.94 6.12
CA LEU B 228 8.36 -0.69 6.86
C LEU B 228 9.18 0.33 6.09
N PHE B 229 8.60 1.50 5.89
CA PHE B 229 9.27 2.64 5.29
C PHE B 229 9.34 3.73 6.38
N ALA B 230 10.52 4.06 6.89
CA ALA B 230 10.57 4.97 8.04
C ALA B 230 11.42 6.21 7.79
N ALA B 231 10.92 7.37 8.21
CA ALA B 231 11.69 8.60 8.16
C ALA B 231 11.37 9.42 9.42
N GLU B 232 11.96 10.60 9.54
CA GLU B 232 11.70 11.39 10.74
C GLU B 232 10.22 11.74 10.77
N GLY B 233 9.58 11.49 11.90
CA GLY B 233 8.18 11.86 12.08
C GLY B 233 7.13 10.83 11.70
N GLU B 234 7.48 9.78 10.95
CA GLU B 234 6.45 8.84 10.51
C GLU B 234 6.97 7.52 10.04
N ARG B 235 6.15 6.48 10.26
CA ARG B 235 6.36 5.16 9.68
C ARG B 235 5.18 4.78 8.78
N VAL B 236 5.48 4.17 7.63
CA VAL B 236 4.46 3.55 6.79
C VAL B 236 4.73 2.05 6.76
N GLU B 237 3.70 1.24 7.02
CA GLU B 237 3.83 -0.22 6.96
C GLU B 237 2.78 -0.83 6.03
N ILE B 238 3.26 -1.69 5.14
CA ILE B 238 2.39 -2.48 4.26
C ILE B 238 2.55 -3.93 4.69
N THR B 239 1.43 -4.55 5.07
CA THR B 239 1.47 -5.82 5.78
C THR B 239 0.50 -6.83 5.17
N HIS B 240 0.99 -8.06 5.01
CA HIS B 240 0.13 -9.18 4.61
C HIS B 240 0.23 -10.29 5.65
N LYS B 241 -0.91 -10.81 6.09
CA LYS B 241 -0.93 -11.94 7.02
C LYS B 241 -1.73 -13.08 6.43
N ALA B 242 -1.08 -14.21 6.18
CA ALA B 242 -1.82 -15.35 5.67
C ALA B 242 -2.33 -16.19 6.84
N SER B 243 -3.58 -16.63 6.80
CA SER B 243 -4.07 -17.48 7.88
C SER B 243 -4.07 -18.94 7.46
N SER B 244 -4.14 -19.20 6.15
CA SER B 244 -4.10 -20.57 5.64
C SER B 244 -3.75 -20.56 4.15
N ARG B 245 -3.50 -21.72 3.58
CA ARG B 245 -3.23 -21.82 2.15
CA ARG B 245 -3.22 -21.80 2.15
C ARG B 245 -4.47 -21.53 1.30
N MET B 246 -5.62 -21.38 1.94
CA MET B 246 -6.84 -20.99 1.22
C MET B 246 -6.66 -19.67 0.45
N THR B 247 -5.70 -18.85 0.86
CA THR B 247 -5.50 -17.58 0.18
C THR B 247 -5.03 -17.86 -1.27
N PHE B 248 -4.16 -18.85 -1.45
CA PHE B 248 -3.66 -19.18 -2.79
C PHE B 248 -4.75 -19.84 -3.62
N ALA B 249 -5.58 -20.65 -2.97
CA ALA B 249 -6.65 -21.36 -3.67
C ALA B 249 -7.70 -20.36 -4.17
N ARG B 250 -8.03 -19.38 -3.34
CA ARG B 250 -9.02 -18.38 -3.72
C ARG B 250 -8.50 -17.54 -4.89
N GLY B 251 -7.21 -17.20 -4.85
CA GLY B 251 -6.60 -16.45 -5.95
C GLY B 251 -6.57 -17.21 -7.26
N ALA B 252 -6.24 -18.49 -7.19
CA ALA B 252 -6.29 -19.39 -8.36
C ALA B 252 -7.69 -19.49 -8.95
N VAL B 253 -8.70 -19.53 -8.08
CA VAL B 253 -10.08 -19.57 -8.55
C VAL B 253 -10.45 -18.24 -9.21
N ARG B 254 -10.01 -17.12 -8.62
CA ARG B 254 -10.27 -15.83 -9.27
C ARG B 254 -9.67 -15.79 -10.68
N ALA B 255 -8.46 -16.33 -10.84
CA ALA B 255 -7.80 -16.41 -12.14
C ALA B 255 -8.61 -17.26 -13.12
N ALA B 256 -9.16 -18.36 -12.62
CA ALA B 256 -9.89 -19.30 -13.47
C ALA B 256 -11.14 -18.64 -14.07
N LEU B 257 -11.81 -17.79 -13.27
CA LEU B 257 -12.94 -17.02 -13.75
C LEU B 257 -12.49 -15.90 -14.69
N TRP B 258 -11.37 -15.25 -14.36
CA TRP B 258 -10.84 -14.15 -15.16
C TRP B 258 -10.51 -14.59 -16.60
N LEU B 259 -10.02 -15.83 -16.73
CA LEU B 259 -9.62 -16.37 -18.02
C LEU B 259 -10.75 -16.46 -19.04
N GLU B 260 -12.00 -16.49 -18.55
CA GLU B 260 -13.15 -16.61 -19.45
C GLU B 260 -13.15 -15.49 -20.49
N GLY B 261 -13.13 -15.88 -21.76
CA GLY B 261 -13.16 -14.94 -22.86
C GLY B 261 -11.82 -14.38 -23.28
N LYS B 262 -10.76 -14.77 -22.59
CA LYS B 262 -9.43 -14.24 -22.88
C LYS B 262 -8.81 -14.93 -24.10
N GLU B 263 -8.09 -14.16 -24.90
CA GLU B 263 -7.37 -14.70 -26.04
C GLU B 263 -6.18 -15.54 -25.55
N ASN B 264 -5.69 -16.43 -26.39
CA ASN B 264 -4.53 -17.25 -26.05
C ASN B 264 -3.37 -16.38 -25.56
N GLY B 265 -2.57 -16.92 -24.65
CA GLY B 265 -1.42 -16.20 -24.14
C GLY B 265 -0.99 -16.66 -22.76
N LEU B 266 0.13 -16.13 -22.30
CA LEU B 266 0.66 -16.45 -20.98
C LEU B 266 0.48 -15.28 -20.02
N TYR B 267 -0.41 -15.45 -19.05
CA TYR B 267 -0.77 -14.37 -18.13
C TYR B 267 -0.28 -14.63 -16.71
N ASP B 268 -0.23 -13.59 -15.88
CA ASP B 268 0.08 -13.77 -14.46
C ASP B 268 -0.93 -13.06 -13.58
N MET B 269 -0.68 -12.99 -12.28
CA MET B 269 -1.69 -12.41 -11.39
C MET B 269 -1.72 -10.89 -11.49
N GLN B 270 -0.65 -10.29 -12.01
CA GLN B 270 -0.68 -8.84 -12.23
C GLN B 270 -1.68 -8.52 -13.36
N ASP B 271 -1.80 -9.43 -14.34
CA ASP B 271 -2.82 -9.31 -15.38
C ASP B 271 -4.20 -9.52 -14.78
N VAL B 272 -4.35 -10.61 -14.03
CA VAL B 272 -5.62 -10.97 -13.41
C VAL B 272 -6.18 -9.84 -12.54
N LEU B 273 -5.30 -9.17 -11.80
CA LEU B 273 -5.75 -8.17 -10.84
C LEU B 273 -5.73 -6.75 -11.42
N GLY B 274 -5.28 -6.63 -12.67
CA GLY B 274 -5.18 -5.34 -13.33
C GLY B 274 -4.14 -4.41 -12.74
N LEU B 275 -3.06 -4.98 -12.20
CA LEU B 275 -2.04 -4.19 -11.53
C LEU B 275 -0.92 -3.81 -12.47
N ARG B 276 -1.11 -4.09 -13.76
CA ARG B 276 -0.06 -3.85 -14.74
C ARG B 276 -0.44 -2.70 -15.65
PA NAD C . 1.53 28.26 16.43
O1A NAD C . 0.55 29.32 16.84
O2A NAD C . 2.58 27.54 17.22
O5B NAD C . 2.52 29.16 15.34
C5B NAD C . 1.79 30.13 14.72
C4B NAD C . 2.76 31.28 14.43
O4B NAD C . 2.15 32.30 13.62
C3B NAD C . 3.11 31.95 15.82
O3B NAD C . 4.49 31.93 15.92
C2B NAD C . 2.59 33.37 15.63
O2B NAD C . 3.42 34.31 16.24
C1B NAD C . 2.77 33.49 14.10
N9A NAD C . 2.09 34.69 13.61
C8A NAD C . 0.92 35.31 14.06
N7A NAD C . 0.63 36.43 13.38
C5A NAD C . 1.67 36.55 12.46
C6A NAD C . 1.95 37.52 11.46
N6A NAD C . 1.09 38.57 11.27
N1A NAD C . 3.06 37.41 10.67
C2A NAD C . 3.87 36.32 10.91
N3A NAD C . 3.74 35.33 11.82
C4A NAD C . 2.61 35.48 12.58
O3 NAD C . 0.49 27.37 15.56
PN NAD C . 1.10 26.06 14.80
O1N NAD C . 2.42 26.18 14.10
O2N NAD C . 0.57 24.99 15.68
O5D NAD C . -0.01 25.85 13.48
C5D NAD C . -0.01 26.91 12.60
C4D NAD C . -1.04 26.61 11.47
O4D NAD C . -0.65 25.38 10.77
C3D NAD C . -2.46 26.34 12.04
O3D NAD C . -3.36 26.78 11.07
C2D NAD C . -2.51 24.81 12.06
O2D NAD C . -3.78 24.32 11.93
C1D NAD C . -1.81 24.57 10.68
N1N NAD C . -1.21 23.15 10.55
C2N NAD C . -1.31 22.57 9.32
C3N NAD C . -0.77 21.29 9.12
C7N NAD C . -0.93 20.67 7.76
O7N NAD C . -0.50 19.57 7.50
N7N NAD C . -1.54 21.42 6.79
C4N NAD C . -0.08 20.66 10.16
C5N NAD C . 0.05 21.29 11.41
C6N NAD C . -0.52 22.57 11.59
C1 PGE D . -3.87 16.63 10.10
O1 PGE D . -3.25 15.79 11.04
C2 PGE D . -3.12 17.97 10.15
O2 PGE D . -3.79 18.82 11.08
C3 PGE D . -3.42 20.16 10.91
C4 PGE D . -4.15 21.04 11.95
O4 PGE D . -8.30 20.27 11.32
C6 PGE D . -7.75 21.47 11.80
C5 PGE D . -6.30 21.60 11.32
O3 PGE D . -5.50 20.66 11.98
C1 BU1 E . -3.54 0.05 18.29
C2 BU1 E . -3.26 0.14 16.78
C3 BU1 E . -3.92 1.41 16.24
C4 BU1 E . -3.70 1.47 14.71
O5 BU1 E . -2.32 0.21 18.95
O6 BU1 E . -2.46 0.79 14.44
CL CL F . -0.93 2.02 -6.15
PA NAD G . 0.75 -31.94 -2.38
O1A NAD G . 1.80 -32.91 -2.86
O2A NAD G . -0.15 -31.96 -1.18
O5B NAD G . -0.43 -32.11 -3.66
C5B NAD G . 0.15 -32.78 -4.72
C4B NAD G . -0.94 -33.59 -5.38
O4B NAD G . -0.58 -33.93 -6.73
C3B NAD G . -1.01 -34.92 -4.56
O3B NAD G . -2.35 -35.08 -4.25
C2B NAD G . -0.53 -35.95 -5.59
O2B NAD G . -1.19 -37.17 -5.49
C1B NAD G . -1.02 -35.26 -6.89
N9A NAD G . -0.38 -35.86 -8.07
C8A NAD G . 0.93 -36.36 -8.25
N7A NAD G . 1.14 -36.84 -9.47
C5A NAD G . -0.10 -36.66 -10.13
C6A NAD G . -0.53 -36.98 -11.45
N6A NAD G . 0.33 -37.57 -12.34
N1A NAD G . -1.82 -36.69 -11.84
C2A NAD G . -2.62 -36.11 -10.90
N3A NAD G . -2.36 -35.76 -9.62
C4A NAD G . -1.05 -36.07 -9.27
O3 NAD G . 1.61 -30.58 -2.64
PN NAD G . 0.79 -29.22 -2.46
O1N NAD G . -0.67 -29.17 -2.81
O2N NAD G . 1.49 -28.65 -1.28
O5D NAD G . 1.47 -28.10 -3.67
C5D NAD G . 1.54 -28.69 -4.91
C4D NAD G . 2.20 -27.67 -5.87
O4D NAD G . 1.58 -26.35 -5.67
C3D NAD G . 3.70 -27.52 -5.49
O3D NAD G . 4.37 -27.30 -6.67
C2D NAD G . 3.70 -26.22 -4.64
O2D NAD G . 4.87 -25.51 -4.76
C1D NAD G . 2.64 -25.44 -5.47
N1N NAD G . 2.02 -24.28 -4.66
C2N NAD G . 1.84 -23.11 -5.36
C3N NAD G . 1.28 -22.02 -4.72
C7N NAD G . 1.12 -20.78 -5.56
O7N NAD G . 0.60 -19.77 -5.10
N7N NAD G . 1.59 -20.84 -6.87
C4N NAD G . 0.87 -22.13 -3.38
C5N NAD G . 1.06 -23.32 -2.70
C6N NAD G . 1.63 -24.42 -3.35
C1 PGE H . 3.84 -18.53 -1.90
O1 PGE H . 4.04 -18.82 -0.55
C2 PGE H . 3.52 -19.87 -2.59
O2 PGE H . 4.57 -20.78 -2.27
C3 PGE H . 4.46 -21.98 -3.00
C4 PGE H . 5.85 -22.64 -3.07
O4 PGE H . 10.18 -21.38 -4.26
C6 PGE H . 9.07 -21.39 -3.39
C5 PGE H . 8.02 -22.36 -3.92
O3 PGE H . 6.74 -21.78 -3.75
C1 BU1 I . 6.15 -10.36 14.13
C2 BU1 I . 5.77 -9.32 13.10
C3 BU1 I . 5.96 -9.91 11.72
C4 BU1 I . 5.11 -9.09 10.76
O5 BU1 I . 5.06 -10.44 14.98
O6 BU1 I . 5.66 -9.28 9.51
#